data_3KQP
#
_entry.id   3KQP
#
_cell.length_a   93.568
_cell.length_b   93.568
_cell.length_c   188.745
_cell.angle_alpha   90.000
_cell.angle_beta   90.000
_cell.angle_gamma   90.000
#
_symmetry.space_group_name_H-M   'P 43 21 2'
#
loop_
_entity.id
_entity.type
_entity.pdbx_description
1 polymer 'Phenylethanolamine N-methyltransferase'
2 non-polymer S-ADENOSYL-L-HOMOCYSTEINE
3 non-polymer quinolin-6-amine
4 water water
#
_entity_poly.entity_id   1
_entity_poly.type   'polypeptide(L)'
_entity_poly.pdbx_seq_one_letter_code
;MSGADRSPNAGAAPDSAPGQAAVASAYQRFEPRAYLRNNYAPPRGDLCNPNGVGPWKLRCLAQTFATGEVSGRTLIDIGS
GPTVYQLLSACSHFEDITMTDFLEVNRQELGRWLQEEPGAFNWSMYSQHACLIEGKGECWQDKERQLRARVKRVLPIDVH
QPQPLGAGSPAPLPADALVSAFCLEAVSPDLASFQRALDHITTLLRPGGHLLLIGALEESWYLAGEARLTVVPVSEEEVR
EALVRSGYKVRDLRTYIMPAHLQTGVDDVKGVFFAWAQKVGLEHHHHHH
;
_entity_poly.pdbx_strand_id   A,B
#
# COMPACT_ATOMS: atom_id res chain seq x y z
N ALA A 24 34.71 -19.47 7.14
CA ALA A 24 33.92 -19.47 5.91
C ALA A 24 32.95 -20.65 5.88
N SER A 25 33.49 -21.84 6.10
CA SER A 25 32.74 -23.10 6.03
C SER A 25 31.46 -23.07 6.88
N ALA A 26 31.36 -22.07 7.75
CA ALA A 26 30.17 -21.90 8.58
C ALA A 26 28.94 -21.66 7.72
N TYR A 27 29.16 -21.13 6.52
CA TYR A 27 28.04 -20.77 5.63
C TYR A 27 27.32 -21.96 5.03
N GLN A 28 27.85 -23.15 5.25
CA GLN A 28 27.25 -24.36 4.69
C GLN A 28 26.12 -24.86 5.58
N ARG A 29 25.98 -24.29 6.77
CA ARG A 29 24.85 -24.60 7.64
C ARG A 29 23.79 -23.49 7.59
N PHE A 30 24.09 -22.44 6.85
CA PHE A 30 23.24 -21.26 6.74
C PHE A 30 21.84 -21.65 6.27
N GLU A 31 20.84 -21.45 7.12
CA GLU A 31 19.44 -21.71 6.76
C GLU A 31 18.72 -20.43 6.32
N PRO A 32 18.42 -20.32 5.02
CA PRO A 32 17.69 -19.18 4.46
C PRO A 32 16.44 -18.76 5.24
N ARG A 33 15.52 -19.69 5.51
CA ARG A 33 14.27 -19.32 6.16
C ARG A 33 14.50 -18.75 7.56
N ALA A 34 15.50 -19.28 8.27
CA ALA A 34 15.82 -18.81 9.61
C ALA A 34 16.37 -17.38 9.58
N TYR A 35 17.21 -17.10 8.59
CA TYR A 35 17.73 -15.75 8.43
C TYR A 35 16.63 -14.73 8.09
N LEU A 36 15.74 -15.11 7.18
CA LEU A 36 14.58 -14.28 6.83
C LEU A 36 13.69 -14.06 8.05
N ARG A 37 13.48 -15.11 8.82
CA ARG A 37 12.74 -14.97 10.07
C ARG A 37 13.43 -13.98 11.01
N ASN A 38 14.73 -14.18 11.24
CA ASN A 38 15.51 -13.37 12.19
C ASN A 38 15.57 -11.89 11.86
N ASN A 39 15.53 -11.56 10.57
CA ASN A 39 15.77 -10.19 10.15
C ASN A 39 14.62 -9.46 9.44
N TYR A 40 13.74 -10.21 8.79
CA TYR A 40 12.77 -9.59 7.89
C TYR A 40 11.33 -9.91 8.26
N ALA A 41 11.17 -10.69 9.32
CA ALA A 41 9.88 -10.86 9.97
C ALA A 41 9.89 -9.99 11.23
N PRO A 42 8.71 -9.66 11.78
CA PRO A 42 8.63 -8.87 13.02
C PRO A 42 9.53 -9.48 14.11
N PRO A 43 10.09 -8.64 14.98
CA PRO A 43 9.97 -7.19 15.12
C PRO A 43 10.75 -6.34 14.11
N ARG A 44 11.91 -6.81 13.65
CA ARG A 44 12.73 -6.04 12.70
C ARG A 44 12.02 -5.88 11.37
N GLY A 45 11.13 -6.83 11.08
CA GLY A 45 10.38 -6.78 9.83
C GLY A 45 9.09 -5.96 9.87
N ASP A 46 8.77 -5.36 11.02
CA ASP A 46 7.60 -4.51 11.10
C ASP A 46 7.87 -3.15 10.48
N LEU A 47 7.28 -2.90 9.32
CA LEU A 47 7.52 -1.65 8.62
C LEU A 47 6.62 -0.50 9.07
N CYS A 48 5.62 -0.81 9.90
CA CYS A 48 4.66 0.20 10.35
C CYS A 48 5.28 1.35 11.15
N ASN A 49 6.27 1.04 11.99
CA ASN A 49 7.01 2.07 12.75
C ASN A 49 8.11 2.68 11.89
N PRO A 50 8.07 4.00 11.69
CA PRO A 50 9.02 4.67 10.80
C PRO A 50 10.44 4.73 11.38
N ASN A 51 10.56 4.61 12.69
CA ASN A 51 11.87 4.67 13.34
C ASN A 51 12.61 3.33 13.37
N GLY A 52 12.00 2.28 12.82
CA GLY A 52 12.64 0.98 12.74
C GLY A 52 13.73 0.87 11.68
N VAL A 53 14.47 -0.23 11.70
CA VAL A 53 15.59 -0.42 10.79
C VAL A 53 15.17 -0.74 9.37
N GLY A 54 14.06 -1.48 9.23
CA GLY A 54 13.51 -1.78 7.93
C GLY A 54 13.23 -0.52 7.13
N PRO A 55 12.36 0.35 7.67
CA PRO A 55 12.04 1.60 6.95
C PRO A 55 13.28 2.46 6.69
N TRP A 56 14.20 2.52 7.65
CA TRP A 56 15.45 3.29 7.46
C TRP A 56 16.24 2.79 6.24
N LYS A 57 16.49 1.49 6.18
CA LYS A 57 17.16 0.91 5.02
C LYS A 57 16.46 1.25 3.70
N LEU A 58 15.16 1.02 3.63
CA LEU A 58 14.41 1.32 2.40
C LEU A 58 14.49 2.80 2.05
N ARG A 59 14.42 3.62 3.09
CA ARG A 59 14.47 5.06 2.94
C ARG A 59 15.79 5.49 2.30
N CYS A 60 16.90 4.94 2.79
CA CYS A 60 18.22 5.25 2.27
C CYS A 60 18.31 4.89 0.80
N LEU A 61 17.85 3.68 0.47
CA LEU A 61 17.85 3.21 -0.90
C LEU A 61 17.01 4.13 -1.81
N ALA A 62 15.82 4.48 -1.36
CA ALA A 62 14.88 5.25 -2.18
C ALA A 62 15.36 6.68 -2.40
N GLN A 63 15.78 7.35 -1.34
CA GLN A 63 16.30 8.70 -1.45
C GLN A 63 17.46 8.78 -2.43
N THR A 64 18.37 7.82 -2.36
CA THR A 64 19.56 7.81 -3.21
C THR A 64 19.22 7.74 -4.70
N PHE A 65 18.35 6.82 -5.09
CA PHE A 65 17.93 6.72 -6.49
C PHE A 65 17.05 7.89 -6.92
N ALA A 66 16.38 8.52 -5.97
CA ALA A 66 15.47 9.62 -6.28
C ALA A 66 16.26 10.85 -6.69
N THR A 67 17.54 10.85 -6.35
CA THR A 67 18.42 11.95 -6.74
C THR A 67 18.56 12.02 -8.25
N GLY A 68 18.35 10.89 -8.91
CA GLY A 68 18.54 10.78 -10.34
C GLY A 68 19.99 10.67 -10.77
N GLU A 69 20.91 10.49 -9.82
CA GLU A 69 22.33 10.41 -10.14
C GLU A 69 22.88 8.99 -10.19
N VAL A 70 22.12 8.02 -9.72
CA VAL A 70 22.51 6.62 -9.84
C VAL A 70 21.67 5.95 -10.93
N SER A 71 22.27 5.83 -12.10
CA SER A 71 21.55 5.40 -13.28
C SER A 71 22.47 4.69 -14.26
N GLY A 72 21.87 3.94 -15.17
CA GLY A 72 22.62 3.15 -16.12
C GLY A 72 21.76 2.04 -16.69
N ARG A 73 22.41 1.00 -17.19
CA ARG A 73 21.72 -0.10 -17.87
C ARG A 73 21.76 -1.38 -17.04
N THR A 74 22.93 -1.71 -16.51
CA THR A 74 23.11 -2.94 -15.75
C THR A 74 23.47 -2.71 -14.29
N LEU A 75 22.96 -3.60 -13.44
CA LEU A 75 23.21 -3.54 -12.01
C LEU A 75 23.50 -4.92 -11.45
N ILE A 76 24.50 -5.03 -10.58
CA ILE A 76 24.69 -6.29 -9.87
C ILE A 76 24.55 -6.12 -8.37
N ASP A 77 23.74 -6.99 -7.78
CA ASP A 77 23.59 -7.04 -6.33
C ASP A 77 24.53 -8.09 -5.77
N ILE A 78 25.44 -7.65 -4.91
CA ILE A 78 26.49 -8.52 -4.36
C ILE A 78 26.05 -9.21 -3.07
N GLY A 79 26.01 -10.54 -3.09
CA GLY A 79 25.67 -11.29 -1.91
C GLY A 79 24.21 -11.09 -1.53
N SER A 80 23.34 -11.27 -2.51
CA SER A 80 21.91 -11.05 -2.35
C SER A 80 21.28 -11.82 -1.21
N GLY A 81 21.84 -12.98 -0.89
CA GLY A 81 21.18 -13.91 0.01
C GLY A 81 19.78 -14.24 -0.49
N PRO A 82 18.84 -14.44 0.43
CA PRO A 82 17.47 -14.78 0.03
C PRO A 82 16.59 -13.55 0.04
N THR A 83 17.16 -12.36 -0.08
CA THR A 83 16.36 -11.13 0.06
C THR A 83 16.32 -10.29 -1.22
N VAL A 84 15.20 -9.62 -1.46
CA VAL A 84 15.03 -8.80 -2.66
C VAL A 84 14.81 -7.31 -2.35
N TYR A 85 14.48 -7.02 -1.09
CA TYR A 85 14.11 -5.65 -0.67
C TYR A 85 15.13 -4.64 -1.15
N GLN A 86 16.41 -5.04 -1.18
CA GLN A 86 17.48 -4.09 -1.46
C GLN A 86 17.47 -3.60 -2.91
N LEU A 87 16.61 -4.18 -3.74
CA LEU A 87 16.50 -3.81 -5.15
C LEU A 87 15.14 -3.15 -5.51
N LEU A 88 14.25 -3.02 -4.53
CA LEU A 88 12.91 -2.51 -4.82
C LEU A 88 12.92 -1.14 -5.48
N SER A 89 13.72 -0.23 -4.92
CA SER A 89 13.84 1.11 -5.49
C SER A 89 14.76 1.12 -6.71
N ALA A 90 15.74 0.23 -6.70
CA ALA A 90 16.75 0.19 -7.76
C ALA A 90 16.15 -0.19 -9.11
N CYS A 91 15.17 -1.08 -9.08
CA CYS A 91 14.72 -1.76 -10.29
C CYS A 91 14.15 -0.85 -11.38
N SER A 92 13.80 0.38 -11.02
CA SER A 92 13.20 1.29 -12.00
C SER A 92 14.25 2.19 -12.64
N HIS A 93 15.50 1.97 -12.26
CA HIS A 93 16.60 2.72 -12.84
C HIS A 93 17.56 1.85 -13.63
N PHE A 94 17.29 0.54 -13.65
CA PHE A 94 18.16 -0.42 -14.32
C PHE A 94 17.38 -1.55 -14.95
N GLU A 95 17.53 -1.70 -16.27
CA GLU A 95 16.78 -2.70 -17.02
C GLU A 95 17.38 -4.08 -16.91
N ASP A 96 18.70 -4.14 -16.70
CA ASP A 96 19.37 -5.43 -16.55
C ASP A 96 19.94 -5.55 -15.14
N ILE A 97 19.40 -6.51 -14.39
CA ILE A 97 19.82 -6.70 -13.02
C ILE A 97 20.32 -8.12 -12.79
N THR A 98 21.45 -8.21 -12.12
CA THR A 98 22.05 -9.48 -11.77
C THR A 98 22.05 -9.65 -10.26
N MET A 99 21.45 -10.73 -9.78
CA MET A 99 21.51 -11.05 -8.37
C MET A 99 22.51 -12.17 -8.16
N THR A 100 23.15 -12.18 -7.00
CA THR A 100 24.22 -13.14 -6.73
C THR A 100 24.21 -13.66 -5.30
N ASP A 101 24.73 -14.86 -5.12
CA ASP A 101 25.09 -15.33 -3.79
C ASP A 101 26.03 -16.54 -3.85
N PHE A 102 26.77 -16.72 -2.77
CA PHE A 102 27.74 -17.81 -2.65
C PHE A 102 27.02 -19.15 -2.46
N LEU A 103 25.85 -19.12 -1.84
CA LEU A 103 25.09 -20.33 -1.54
C LEU A 103 23.99 -20.64 -2.56
N GLU A 104 23.92 -21.91 -2.95
CA GLU A 104 22.85 -22.39 -3.82
C GLU A 104 21.47 -22.28 -3.16
N VAL A 105 21.38 -22.62 -1.87
CA VAL A 105 20.10 -22.55 -1.17
C VAL A 105 19.51 -21.15 -1.26
N ASN A 106 20.35 -20.13 -1.11
CA ASN A 106 19.91 -18.76 -1.26
C ASN A 106 19.41 -18.46 -2.67
N ARG A 107 20.18 -18.88 -3.68
CA ARG A 107 19.80 -18.63 -5.06
C ARG A 107 18.47 -19.30 -5.38
N GLN A 108 18.22 -20.45 -4.76
CA GLN A 108 16.96 -21.17 -4.96
C GLN A 108 15.81 -20.45 -4.28
N GLU A 109 16.08 -19.89 -3.12
CA GLU A 109 15.09 -19.10 -2.40
C GLU A 109 14.72 -17.88 -3.23
N LEU A 110 15.72 -17.26 -3.85
CA LEU A 110 15.50 -16.14 -4.75
C LEU A 110 14.64 -16.57 -5.94
N GLY A 111 15.00 -17.70 -6.52
CA GLY A 111 14.28 -18.24 -7.66
C GLY A 111 12.81 -18.46 -7.35
N ARG A 112 12.54 -18.94 -6.14
CA ARG A 112 11.15 -19.17 -5.72
C ARG A 112 10.31 -17.89 -5.70
N TRP A 113 10.92 -16.76 -5.35
CA TRP A 113 10.19 -15.51 -5.35
C TRP A 113 10.13 -14.89 -6.74
N LEU A 114 11.24 -14.98 -7.47
CA LEU A 114 11.29 -14.39 -8.80
C LEU A 114 10.35 -15.10 -9.76
N GLN A 115 10.12 -16.39 -9.52
CA GLN A 115 9.26 -17.20 -10.37
C GLN A 115 7.87 -17.37 -9.77
N GLU A 116 7.59 -16.63 -8.70
CA GLU A 116 6.31 -16.73 -8.01
C GLU A 116 5.97 -18.18 -7.67
N GLU A 117 6.99 -18.96 -7.36
CA GLU A 117 6.84 -20.37 -7.03
C GLU A 117 6.28 -20.55 -5.61
N PRO A 118 5.92 -21.79 -5.26
CA PRO A 118 5.32 -22.07 -3.94
C PRO A 118 6.34 -21.96 -2.81
N GLY A 119 5.89 -21.50 -1.65
CA GLY A 119 6.76 -21.37 -0.50
C GLY A 119 7.59 -20.11 -0.55
N ALA A 120 7.43 -19.35 -1.63
CA ALA A 120 8.17 -18.10 -1.80
C ALA A 120 7.99 -17.23 -0.57
N PHE A 121 9.04 -16.52 -0.21
CA PHE A 121 8.96 -15.56 0.88
C PHE A 121 8.03 -14.44 0.45
N ASN A 122 7.27 -13.91 1.40
CA ASN A 122 6.37 -12.80 1.10
C ASN A 122 7.05 -11.48 1.37
N TRP A 123 7.39 -10.76 0.29
CA TRP A 123 8.05 -9.46 0.40
C TRP A 123 7.11 -8.26 0.22
N SER A 124 5.81 -8.55 0.14
CA SER A 124 4.82 -7.53 -0.25
C SER A 124 4.80 -6.27 0.63
N MET A 125 4.90 -6.45 1.95
CA MET A 125 4.96 -5.30 2.86
C MET A 125 6.10 -4.35 2.49
N TYR A 126 7.21 -4.92 2.01
CA TYR A 126 8.40 -4.16 1.63
C TYR A 126 8.18 -3.43 0.30
N SER A 127 7.62 -4.14 -0.66
CA SER A 127 7.20 -3.54 -1.94
C SER A 127 6.24 -2.39 -1.68
N GLN A 128 5.28 -2.62 -0.79
CA GLN A 128 4.31 -1.59 -0.44
C GLN A 128 5.01 -0.37 0.17
N HIS A 129 5.94 -0.61 1.08
CA HIS A 129 6.60 0.50 1.76
C HIS A 129 7.51 1.28 0.84
N ALA A 130 8.17 0.58 -0.07
CA ALA A 130 8.96 1.24 -1.10
C ALA A 130 8.07 2.15 -1.97
N CYS A 131 6.91 1.63 -2.34
CA CYS A 131 5.95 2.43 -3.09
C CYS A 131 5.53 3.67 -2.30
N LEU A 132 5.27 3.46 -1.01
CA LEU A 132 4.93 4.53 -0.08
C LEU A 132 6.01 5.61 -0.06
N ILE A 133 7.21 5.20 0.33
CA ILE A 133 8.36 6.08 0.44
C ILE A 133 8.65 6.84 -0.85
N GLU A 134 8.68 6.14 -1.97
CA GLU A 134 9.01 6.75 -3.25
C GLU A 134 7.99 7.81 -3.66
N GLY A 135 6.74 7.62 -3.25
CA GLY A 135 5.72 8.62 -3.46
C GLY A 135 5.46 8.96 -4.92
N LYS A 136 5.37 7.94 -5.77
CA LYS A 136 5.07 8.13 -7.18
C LYS A 136 3.68 7.60 -7.50
N GLY A 137 2.98 7.10 -6.49
CA GLY A 137 1.64 6.59 -6.67
C GLY A 137 1.59 5.17 -7.24
N GLU A 138 2.72 4.48 -7.19
CA GLU A 138 2.79 3.15 -7.78
C GLU A 138 2.20 2.07 -6.86
N CYS A 139 1.46 1.15 -7.46
CA CYS A 139 0.96 0.01 -6.71
C CYS A 139 2.08 -1.01 -6.53
N TRP A 140 2.06 -1.71 -5.39
CA TRP A 140 3.15 -2.60 -5.06
C TRP A 140 3.33 -3.74 -6.05
N GLN A 141 2.24 -4.18 -6.67
CA GLN A 141 2.31 -5.26 -7.65
C GLN A 141 3.08 -4.86 -8.92
N ASP A 142 2.95 -3.59 -9.31
CA ASP A 142 3.66 -3.11 -10.48
C ASP A 142 5.15 -3.12 -10.18
N LYS A 143 5.46 -2.68 -8.97
CA LYS A 143 6.83 -2.62 -8.47
C LYS A 143 7.49 -3.99 -8.51
N GLU A 144 6.78 -5.01 -8.04
CA GLU A 144 7.30 -6.37 -8.03
C GLU A 144 7.41 -6.94 -9.43
N ARG A 145 6.41 -6.63 -10.26
CA ARG A 145 6.38 -7.08 -11.64
C ARG A 145 7.64 -6.59 -12.33
N GLN A 146 7.95 -5.32 -12.15
CA GLN A 146 9.10 -4.71 -12.79
C GLN A 146 10.41 -5.31 -12.27
N LEU A 147 10.49 -5.50 -10.95
CA LEU A 147 11.68 -6.12 -10.36
C LEU A 147 11.90 -7.52 -10.92
N ARG A 148 10.84 -8.33 -10.90
CA ARG A 148 10.92 -9.69 -11.40
C ARG A 148 11.36 -9.72 -12.86
N ALA A 149 10.98 -8.68 -13.60
CA ALA A 149 11.20 -8.63 -15.04
C ALA A 149 12.60 -8.16 -15.37
N ARG A 150 13.18 -7.35 -14.49
CA ARG A 150 14.51 -6.80 -14.73
C ARG A 150 15.65 -7.63 -14.11
N VAL A 151 15.32 -8.61 -13.27
CA VAL A 151 16.32 -9.56 -12.81
C VAL A 151 16.43 -10.67 -13.84
N LYS A 152 17.54 -10.66 -14.58
CA LYS A 152 17.71 -11.57 -15.71
C LYS A 152 18.35 -12.89 -15.28
N ARG A 153 19.07 -12.86 -14.16
CA ARG A 153 19.87 -14.00 -13.76
C ARG A 153 20.25 -13.98 -12.27
N VAL A 154 20.35 -15.17 -11.69
CA VAL A 154 20.84 -15.32 -10.32
C VAL A 154 22.08 -16.19 -10.36
N LEU A 155 23.23 -15.58 -10.07
CA LEU A 155 24.53 -16.23 -10.28
C LEU A 155 25.32 -16.50 -9.00
N PRO A 156 26.11 -17.58 -9.01
CA PRO A 156 27.10 -17.86 -7.96
C PRO A 156 28.11 -16.74 -7.88
N ILE A 157 28.78 -16.60 -6.74
CA ILE A 157 29.73 -15.52 -6.55
C ILE A 157 30.51 -15.74 -5.27
N ASP A 158 31.80 -15.38 -5.30
CA ASP A 158 32.65 -15.46 -4.13
C ASP A 158 33.56 -14.24 -4.11
N VAL A 159 33.30 -13.32 -3.19
CA VAL A 159 34.02 -12.05 -3.16
C VAL A 159 35.47 -12.21 -2.71
N HIS A 160 35.79 -13.37 -2.13
CA HIS A 160 37.17 -13.67 -1.78
C HIS A 160 38.00 -13.88 -3.05
N GLN A 161 37.31 -14.14 -4.16
CA GLN A 161 37.99 -14.35 -5.43
C GLN A 161 38.19 -13.02 -6.15
N PRO A 162 39.41 -12.80 -6.67
CA PRO A 162 39.80 -11.63 -7.46
C PRO A 162 38.80 -11.34 -8.57
N GLN A 163 38.22 -12.38 -9.15
CA GLN A 163 37.08 -12.24 -10.02
C GLN A 163 35.90 -12.97 -9.37
N PRO A 164 35.15 -12.24 -8.52
CA PRO A 164 34.04 -12.79 -7.73
C PRO A 164 33.04 -13.57 -8.58
N LEU A 165 32.82 -13.12 -9.81
CA LEU A 165 31.85 -13.75 -10.68
C LEU A 165 32.43 -14.90 -11.50
N GLY A 166 33.75 -15.04 -11.46
CA GLY A 166 34.41 -16.08 -12.24
C GLY A 166 34.95 -15.54 -13.55
N ALA A 167 35.06 -16.42 -14.54
CA ALA A 167 35.68 -16.08 -15.81
C ALA A 167 34.66 -15.65 -16.88
N GLY A 168 33.89 -16.61 -17.38
CA GLY A 168 32.94 -16.35 -18.45
C GLY A 168 31.54 -16.07 -17.95
N SER A 169 31.44 -15.19 -16.98
CA SER A 169 30.17 -14.86 -16.34
C SER A 169 29.13 -14.35 -17.34
N PRO A 170 27.88 -14.78 -17.16
CA PRO A 170 26.76 -14.28 -17.98
C PRO A 170 26.46 -12.81 -17.69
N ALA A 171 26.99 -12.30 -16.59
CA ALA A 171 26.71 -10.93 -16.16
C ALA A 171 27.40 -9.89 -17.02
N PRO A 172 26.63 -8.94 -17.58
CA PRO A 172 27.20 -7.86 -18.39
C PRO A 172 28.20 -7.04 -17.56
N LEU A 173 29.47 -7.09 -17.94
CA LEU A 173 30.50 -6.31 -17.25
C LEU A 173 31.09 -5.27 -18.19
N PRO A 174 31.53 -4.13 -17.64
CA PRO A 174 31.44 -3.82 -16.22
C PRO A 174 30.05 -3.26 -15.91
N ALA A 175 29.61 -3.37 -14.66
CA ALA A 175 28.29 -2.88 -14.27
C ALA A 175 28.27 -1.36 -14.14
N ASP A 176 27.12 -0.76 -14.41
CA ASP A 176 26.96 0.68 -14.22
C ASP A 176 26.84 1.01 -12.74
N ALA A 177 26.43 0.02 -11.96
CA ALA A 177 26.25 0.21 -10.52
C ALA A 177 26.24 -1.11 -9.76
N LEU A 178 26.61 -1.03 -8.49
CA LEU A 178 26.58 -2.19 -7.60
C LEU A 178 25.75 -1.92 -6.35
N VAL A 179 25.08 -2.95 -5.86
CA VAL A 179 24.47 -2.90 -4.55
C VAL A 179 24.98 -4.07 -3.73
N SER A 180 25.27 -3.84 -2.45
CA SER A 180 25.63 -4.94 -1.56
C SER A 180 25.23 -4.64 -0.14
N ALA A 181 24.48 -5.55 0.45
CA ALA A 181 23.96 -5.33 1.77
C ALA A 181 24.28 -6.50 2.69
N PHE A 182 25.01 -6.20 3.76
CA PHE A 182 25.29 -7.18 4.80
C PHE A 182 26.06 -8.39 4.30
N CYS A 183 26.82 -8.21 3.23
CA CYS A 183 27.69 -9.26 2.73
C CYS A 183 29.12 -9.13 3.26
N LEU A 184 29.86 -8.15 2.75
CA LEU A 184 31.29 -8.04 3.00
C LEU A 184 31.71 -8.32 4.45
N GLU A 185 31.26 -7.47 5.38
CA GLU A 185 31.67 -7.63 6.76
C GLU A 185 31.30 -9.01 7.29
N ALA A 186 30.23 -9.58 6.75
CA ALA A 186 29.73 -10.88 7.16
C ALA A 186 30.50 -12.07 6.55
N VAL A 187 31.42 -11.79 5.63
CA VAL A 187 32.24 -12.85 5.03
C VAL A 187 33.73 -12.64 5.29
N SER A 188 34.06 -11.68 6.15
CA SER A 188 35.43 -11.30 6.38
C SER A 188 35.83 -11.44 7.85
N PRO A 189 36.92 -12.18 8.10
CA PRO A 189 37.46 -12.41 9.46
C PRO A 189 38.02 -11.13 10.09
N ASP A 190 38.39 -10.16 9.27
CA ASP A 190 38.99 -8.93 9.78
C ASP A 190 38.97 -7.82 8.73
N LEU A 191 39.39 -6.64 9.15
CA LEU A 191 39.41 -5.46 8.30
C LEU A 191 40.03 -5.69 6.93
N ALA A 192 41.25 -6.23 6.93
CA ALA A 192 42.01 -6.37 5.69
C ALA A 192 41.31 -7.30 4.72
N SER A 193 40.70 -8.35 5.24
CA SER A 193 39.94 -9.25 4.38
C SER A 193 38.72 -8.49 3.82
N PHE A 194 38.14 -7.61 4.64
CA PHE A 194 37.03 -6.76 4.24
C PHE A 194 37.46 -5.83 3.12
N GLN A 195 38.62 -5.21 3.30
CA GLN A 195 39.20 -4.32 2.32
C GLN A 195 39.44 -5.00 0.97
N ARG A 196 39.96 -6.22 1.01
CA ARG A 196 40.25 -6.96 -0.21
C ARG A 196 38.97 -7.37 -0.94
N ALA A 197 38.00 -7.88 -0.20
CA ALA A 197 36.70 -8.23 -0.79
C ALA A 197 36.11 -7.01 -1.48
N LEU A 198 36.21 -5.86 -0.83
CA LEU A 198 35.78 -4.61 -1.44
C LEU A 198 36.52 -4.36 -2.75
N ASP A 199 37.85 -4.50 -2.72
CA ASP A 199 38.65 -4.37 -3.94
C ASP A 199 38.15 -5.31 -5.02
N HIS A 200 37.82 -6.54 -4.63
CA HIS A 200 37.40 -7.56 -5.58
C HIS A 200 36.09 -7.21 -6.30
N ILE A 201 35.09 -6.77 -5.55
CA ILE A 201 33.82 -6.43 -6.18
C ILE A 201 33.95 -5.13 -6.96
N THR A 202 34.82 -4.23 -6.50
CA THR A 202 35.03 -2.96 -7.18
C THR A 202 35.46 -3.15 -8.63
N THR A 203 36.12 -4.27 -8.91
CA THR A 203 36.56 -4.57 -10.28
C THR A 203 35.38 -4.87 -11.20
N LEU A 204 34.25 -5.25 -10.62
CA LEU A 204 33.02 -5.49 -11.38
C LEU A 204 32.36 -4.16 -11.78
N LEU A 205 32.75 -3.09 -11.09
CA LEU A 205 32.12 -1.79 -11.30
C LEU A 205 32.92 -0.93 -12.26
N ARG A 206 32.20 -0.36 -13.23
CA ARG A 206 32.77 0.54 -14.21
C ARG A 206 33.22 1.85 -13.57
N PRO A 207 34.32 2.45 -14.09
CA PRO A 207 34.76 3.75 -13.57
C PRO A 207 33.66 4.78 -13.71
N GLY A 208 33.47 5.61 -12.68
CA GLY A 208 32.41 6.58 -12.70
C GLY A 208 31.11 5.98 -12.19
N GLY A 209 31.11 4.65 -12.05
CA GLY A 209 29.93 3.93 -11.58
C GLY A 209 29.64 4.16 -10.11
N HIS A 210 28.54 3.60 -9.64
CA HIS A 210 28.14 3.81 -8.25
C HIS A 210 28.01 2.50 -7.47
N LEU A 211 28.35 2.57 -6.20
CA LEU A 211 28.12 1.45 -5.29
C LEU A 211 27.25 1.88 -4.11
N LEU A 212 26.20 1.12 -3.84
CA LEU A 212 25.43 1.30 -2.62
C LEU A 212 25.77 0.17 -1.68
N LEU A 213 26.42 0.49 -0.57
CA LEU A 213 26.87 -0.53 0.37
C LEU A 213 26.13 -0.37 1.69
N ILE A 214 25.56 -1.46 2.17
CA ILE A 214 24.83 -1.46 3.42
C ILE A 214 25.41 -2.55 4.30
N GLY A 215 25.51 -2.31 5.59
CA GLY A 215 26.10 -3.32 6.45
C GLY A 215 25.94 -3.11 7.95
N ALA A 216 26.22 -4.16 8.71
CA ALA A 216 26.15 -4.08 10.15
C ALA A 216 27.37 -3.36 10.72
N LEU A 217 27.13 -2.51 11.71
CA LEU A 217 28.20 -1.78 12.39
C LEU A 217 28.55 -2.43 13.72
N GLU A 218 29.84 -2.65 13.93
CA GLU A 218 30.34 -3.23 15.18
C GLU A 218 29.62 -4.53 15.51
N GLU A 219 29.35 -5.34 14.48
CA GLU A 219 28.80 -6.68 14.64
C GLU A 219 29.93 -7.71 14.64
N SER A 220 29.78 -8.78 15.43
CA SER A 220 30.82 -9.80 15.46
C SER A 220 30.31 -11.20 15.14
N TRP A 221 29.02 -11.43 15.36
CA TRP A 221 28.39 -12.70 14.99
C TRP A 221 26.92 -12.49 14.64
N TYR A 222 26.37 -13.40 13.84
CA TYR A 222 24.92 -13.50 13.70
C TYR A 222 24.53 -14.94 13.39
N LEU A 223 23.27 -15.26 13.66
CA LEU A 223 22.80 -16.63 13.56
C LEU A 223 21.89 -16.82 12.35
N ALA A 224 21.99 -17.99 11.74
CA ALA A 224 21.15 -18.36 10.62
C ALA A 224 20.73 -19.81 10.80
N GLY A 225 19.90 -20.04 11.82
CA GLY A 225 19.48 -21.39 12.17
C GLY A 225 20.61 -22.11 12.88
N GLU A 226 21.07 -23.21 12.29
CA GLU A 226 22.15 -24.00 12.87
C GLU A 226 23.50 -23.29 12.71
N ALA A 227 23.59 -22.38 11.75
CA ALA A 227 24.83 -21.68 11.46
C ALA A 227 25.09 -20.49 12.37
N ARG A 228 26.31 -20.42 12.89
CA ARG A 228 26.77 -19.27 13.65
C ARG A 228 27.89 -18.65 12.83
N LEU A 229 27.67 -17.44 12.33
CA LEU A 229 28.63 -16.80 11.45
C LEU A 229 29.46 -15.76 12.19
N THR A 230 30.75 -15.74 11.89
CA THR A 230 31.64 -14.72 12.43
C THR A 230 31.57 -13.49 11.54
N VAL A 231 31.67 -12.33 12.16
CA VAL A 231 31.60 -11.06 11.46
C VAL A 231 32.75 -10.18 11.94
N VAL A 232 33.32 -9.40 11.04
CA VAL A 232 34.31 -8.42 11.44
C VAL A 232 33.60 -7.15 11.91
N PRO A 233 33.87 -6.73 13.14
CA PRO A 233 33.27 -5.51 13.67
C PRO A 233 33.90 -4.28 13.02
N VAL A 234 33.13 -3.58 12.18
CA VAL A 234 33.64 -2.36 11.58
C VAL A 234 32.89 -1.11 12.05
N SER A 235 33.55 0.03 11.93
CA SER A 235 32.98 1.30 12.32
C SER A 235 32.67 2.12 11.09
N GLU A 236 31.91 3.20 11.26
CA GLU A 236 31.62 4.09 10.15
C GLU A 236 32.91 4.59 9.50
N GLU A 237 33.80 5.15 10.32
CA GLU A 237 35.08 5.66 9.82
C GLU A 237 35.93 4.61 9.12
N GLU A 238 35.89 3.38 9.63
CA GLU A 238 36.59 2.28 8.97
C GLU A 238 35.96 1.98 7.59
N VAL A 239 34.64 1.95 7.54
CA VAL A 239 33.94 1.74 6.27
C VAL A 239 34.32 2.84 5.28
N ARG A 240 34.33 4.08 5.75
CA ARG A 240 34.72 5.21 4.92
C ARG A 240 36.11 4.99 4.34
N GLU A 241 37.08 4.74 5.22
CA GLU A 241 38.47 4.60 4.82
C GLU A 241 38.67 3.44 3.84
N ALA A 242 37.90 2.38 4.04
CA ALA A 242 37.95 1.22 3.16
C ALA A 242 37.54 1.58 1.73
N LEU A 243 36.55 2.45 1.61
CA LEU A 243 36.03 2.88 0.32
C LEU A 243 37.02 3.80 -0.37
N VAL A 244 37.62 4.69 0.41
CA VAL A 244 38.64 5.58 -0.12
C VAL A 244 39.85 4.81 -0.65
N ARG A 245 40.30 3.82 0.12
CA ARG A 245 41.45 3.01 -0.28
C ARG A 245 41.13 2.19 -1.54
N SER A 246 39.84 2.04 -1.83
CA SER A 246 39.42 1.22 -2.96
C SER A 246 39.22 2.01 -4.25
N GLY A 247 39.21 3.33 -4.14
CA GLY A 247 39.07 4.18 -5.31
C GLY A 247 37.68 4.76 -5.45
N TYR A 248 37.00 4.98 -4.33
CA TYR A 248 35.69 5.60 -4.33
C TYR A 248 35.75 7.00 -3.73
N LYS A 249 34.90 7.89 -4.23
CA LYS A 249 34.58 9.10 -3.48
C LYS A 249 33.28 8.77 -2.75
N VAL A 250 33.27 9.02 -1.45
CA VAL A 250 32.07 8.79 -0.66
C VAL A 250 31.13 9.97 -0.84
N ARG A 251 30.02 9.74 -1.54
CA ARG A 251 29.02 10.76 -1.77
C ARG A 251 28.12 10.90 -0.53
N ASP A 252 27.99 9.80 0.21
CA ASP A 252 27.13 9.80 1.38
C ASP A 252 27.40 8.60 2.29
N LEU A 253 27.30 8.83 3.59
CA LEU A 253 27.46 7.75 4.55
C LEU A 253 26.68 8.11 5.81
N ARG A 254 25.62 7.36 6.07
CA ARG A 254 24.74 7.63 7.21
C ARG A 254 24.71 6.43 8.14
N THR A 255 24.42 6.68 9.40
CA THR A 255 24.34 5.61 10.40
C THR A 255 22.97 5.54 11.07
N TYR A 256 22.50 4.31 11.25
CA TYR A 256 21.30 4.06 12.03
C TYR A 256 21.74 3.33 13.29
N ILE A 257 21.27 3.81 14.44
CA ILE A 257 21.59 3.14 15.68
C ILE A 257 20.46 2.21 16.12
N MET A 258 20.80 0.93 16.26
CA MET A 258 19.83 -0.12 16.55
C MET A 258 19.16 0.09 17.91
N PRO A 259 17.85 0.37 17.91
CA PRO A 259 17.20 0.57 19.21
C PRO A 259 17.22 -0.72 20.02
N ALA A 260 17.00 -0.60 21.33
CA ALA A 260 16.99 -1.74 22.24
C ALA A 260 16.00 -2.81 21.80
N HIS A 261 14.79 -2.40 21.42
CA HIS A 261 13.72 -3.35 21.12
C HIS A 261 13.98 -4.18 19.86
N LEU A 262 14.99 -3.81 19.08
CA LEU A 262 15.35 -4.57 17.89
C LEU A 262 16.67 -5.32 18.11
N GLN A 263 17.10 -5.40 19.36
CA GLN A 263 18.24 -6.23 19.75
C GLN A 263 17.70 -7.54 20.32
N THR A 264 17.69 -8.57 19.49
CA THR A 264 16.80 -9.72 19.72
C THR A 264 17.45 -11.06 20.03
N GLY A 265 18.77 -11.10 20.14
CA GLY A 265 19.43 -12.39 20.32
C GLY A 265 19.86 -13.10 19.05
N VAL A 266 19.52 -12.56 17.89
CA VAL A 266 19.94 -13.18 16.62
C VAL A 266 21.32 -12.71 16.18
N ASP A 267 21.87 -11.73 16.89
CA ASP A 267 23.18 -11.18 16.58
C ASP A 267 23.57 -10.15 17.63
N ASP A 268 24.70 -9.47 17.42
CA ASP A 268 25.09 -8.40 18.31
C ASP A 268 25.36 -7.08 17.56
N VAL A 269 24.63 -6.87 16.47
CA VAL A 269 24.79 -5.66 15.66
C VAL A 269 24.44 -4.43 16.49
N LYS A 270 25.28 -3.38 16.40
CA LYS A 270 25.06 -2.18 17.19
C LYS A 270 24.34 -1.09 16.39
N GLY A 271 24.64 -1.04 15.09
CA GLY A 271 24.08 -0.05 14.21
C GLY A 271 24.17 -0.49 12.77
N VAL A 272 23.61 0.31 11.87
CA VAL A 272 23.65 -0.02 10.46
C VAL A 272 24.19 1.18 9.71
N PHE A 273 25.10 0.95 8.77
CA PHE A 273 25.60 2.04 7.95
C PHE A 273 25.03 1.97 6.55
N PHE A 274 24.81 3.14 5.97
CA PHE A 274 24.52 3.22 4.54
C PHE A 274 25.58 4.09 3.85
N ALA A 275 26.21 3.52 2.84
CA ALA A 275 27.19 4.27 2.06
C ALA A 275 26.81 4.38 0.60
N TRP A 276 26.90 5.58 0.06
CA TRP A 276 26.78 5.80 -1.37
C TRP A 276 28.17 6.22 -1.85
N ALA A 277 28.79 5.37 -2.66
CA ALA A 277 30.16 5.60 -3.13
C ALA A 277 30.21 5.61 -4.66
N GLN A 278 31.09 6.46 -5.20
CA GLN A 278 31.29 6.55 -6.64
C GLN A 278 32.73 6.26 -7.02
N LYS A 279 32.93 5.28 -7.89
CA LYS A 279 34.27 4.90 -8.34
C LYS A 279 34.87 6.03 -9.16
N VAL A 280 36.11 6.39 -8.85
CA VAL A 280 36.82 7.40 -9.62
C VAL A 280 38.02 6.80 -10.34
N PRO B 14 -47.46 12.70 -5.34
CA PRO B 14 -48.52 11.71 -5.17
C PRO B 14 -48.42 10.94 -3.85
N ASP B 15 -47.61 9.89 -3.84
CA ASP B 15 -47.51 9.00 -2.69
C ASP B 15 -46.39 7.98 -2.90
N SER B 16 -45.54 7.83 -1.90
CA SER B 16 -44.24 7.17 -2.10
C SER B 16 -44.20 5.66 -1.83
N ALA B 17 -45.20 5.14 -1.13
CA ALA B 17 -45.19 3.74 -0.71
C ALA B 17 -44.92 2.69 -1.80
N PRO B 18 -45.64 2.77 -2.93
CA PRO B 18 -45.50 1.70 -3.93
C PRO B 18 -44.04 1.47 -4.35
N GLY B 19 -43.38 2.49 -4.89
CA GLY B 19 -42.01 2.35 -5.36
C GLY B 19 -41.05 1.93 -4.26
N GLN B 20 -41.19 2.56 -3.10
CA GLN B 20 -40.37 2.20 -1.96
C GLN B 20 -40.60 0.76 -1.57
N ALA B 21 -41.81 0.26 -1.82
CA ALA B 21 -42.12 -1.12 -1.52
C ALA B 21 -41.38 -2.04 -2.50
N ALA B 22 -41.38 -1.65 -3.77
CA ALA B 22 -40.69 -2.40 -4.81
C ALA B 22 -39.19 -2.48 -4.49
N VAL B 23 -38.63 -1.36 -4.06
CA VAL B 23 -37.21 -1.29 -3.73
C VAL B 23 -36.86 -2.22 -2.58
N ALA B 24 -37.58 -2.10 -1.49
CA ALA B 24 -37.39 -2.97 -0.33
C ALA B 24 -37.51 -4.44 -0.72
N SER B 25 -38.48 -4.75 -1.57
CA SER B 25 -38.67 -6.11 -2.05
C SER B 25 -37.44 -6.57 -2.84
N ALA B 26 -36.96 -5.73 -3.74
CA ALA B 26 -35.83 -6.10 -4.58
C ALA B 26 -34.56 -6.38 -3.78
N TYR B 27 -34.34 -5.61 -2.71
CA TYR B 27 -33.12 -5.76 -1.92
C TYR B 27 -33.12 -6.97 -1.01
N GLN B 28 -34.26 -7.63 -0.86
CA GLN B 28 -34.32 -8.89 -0.12
C GLN B 28 -33.45 -9.97 -0.79
N ARG B 29 -33.12 -9.79 -2.06
CA ARG B 29 -32.30 -10.74 -2.79
C ARG B 29 -30.86 -10.26 -2.99
N PHE B 30 -30.58 -9.02 -2.56
CA PHE B 30 -29.24 -8.46 -2.65
C PHE B 30 -28.22 -9.40 -2.00
N GLU B 31 -27.21 -9.79 -2.78
CA GLU B 31 -26.14 -10.66 -2.27
C GLU B 31 -24.83 -9.90 -2.13
N PRO B 32 -24.44 -9.58 -0.88
CA PRO B 32 -23.24 -8.78 -0.60
C PRO B 32 -21.99 -9.28 -1.33
N ARG B 33 -21.75 -10.59 -1.28
CA ARG B 33 -20.57 -11.18 -1.91
C ARG B 33 -20.53 -10.94 -3.41
N ALA B 34 -21.66 -11.11 -4.07
CA ALA B 34 -21.71 -10.90 -5.52
C ALA B 34 -21.45 -9.44 -5.83
N TYR B 35 -22.05 -8.54 -5.05
CA TYR B 35 -21.82 -7.10 -5.19
C TYR B 35 -20.35 -6.73 -4.94
N LEU B 36 -19.76 -7.29 -3.88
CA LEU B 36 -18.34 -7.07 -3.60
C LEU B 36 -17.48 -7.51 -4.78
N ARG B 37 -17.73 -8.72 -5.25
CA ARG B 37 -17.05 -9.25 -6.41
C ARG B 37 -17.24 -8.35 -7.63
N ASN B 38 -18.47 -7.88 -7.85
CA ASN B 38 -18.79 -7.08 -9.04
C ASN B 38 -18.09 -5.73 -9.12
N ASN B 39 -17.98 -5.03 -7.99
CA ASN B 39 -17.47 -3.66 -8.02
C ASN B 39 -16.09 -3.49 -7.36
N TYR B 40 -15.73 -4.38 -6.44
CA TYR B 40 -14.53 -4.15 -5.64
C TYR B 40 -13.42 -5.19 -5.84
N ALA B 41 -13.74 -6.29 -6.52
CA ALA B 41 -12.71 -7.17 -7.05
C ALA B 41 -12.35 -6.71 -8.48
N PRO B 42 -11.17 -7.13 -8.99
CA PRO B 42 -10.81 -6.70 -10.35
C PRO B 42 -11.86 -7.18 -11.36
N PRO B 43 -12.01 -6.50 -12.51
CA PRO B 43 -11.23 -5.38 -13.04
C PRO B 43 -11.47 -4.02 -12.37
N ARG B 44 -12.69 -3.78 -11.87
CA ARG B 44 -13.02 -2.50 -11.27
C ARG B 44 -12.25 -2.30 -9.97
N GLY B 45 -11.88 -3.41 -9.34
CA GLY B 45 -11.12 -3.36 -8.11
C GLY B 45 -9.62 -3.29 -8.34
N ASP B 46 -9.21 -3.17 -9.59
CA ASP B 46 -7.79 -3.07 -9.88
C ASP B 46 -7.30 -1.68 -9.53
N LEU B 47 -6.56 -1.58 -8.42
CA LEU B 47 -6.08 -0.29 -7.96
C LEU B 47 -4.78 0.17 -8.63
N CYS B 48 -4.18 -0.69 -9.45
CA CYS B 48 -2.92 -0.36 -10.13
C CYS B 48 -3.05 0.66 -11.27
N ASN B 49 -4.11 0.57 -12.06
CA ASN B 49 -4.35 1.56 -13.11
C ASN B 49 -4.92 2.86 -12.55
N PRO B 50 -4.16 3.95 -12.62
CA PRO B 50 -4.56 5.22 -12.02
C PRO B 50 -5.80 5.81 -12.71
N ASN B 51 -6.07 5.35 -13.93
CA ASN B 51 -7.21 5.82 -14.70
C ASN B 51 -8.51 5.09 -14.34
N GLY B 52 -8.41 4.07 -13.50
CA GLY B 52 -9.55 3.25 -13.14
C GLY B 52 -10.45 3.98 -12.15
N VAL B 53 -11.65 3.45 -11.96
CA VAL B 53 -12.65 4.12 -11.16
C VAL B 53 -12.35 4.02 -9.67
N GLY B 54 -11.83 2.88 -9.24
CA GLY B 54 -11.45 2.72 -7.85
C GLY B 54 -10.48 3.80 -7.41
N PRO B 55 -9.37 3.96 -8.13
CA PRO B 55 -8.40 5.02 -7.80
C PRO B 55 -9.00 6.41 -7.82
N TRP B 56 -9.89 6.69 -8.77
CA TRP B 56 -10.56 7.99 -8.86
C TRP B 56 -11.39 8.25 -7.60
N LYS B 57 -12.19 7.26 -7.21
CA LYS B 57 -13.03 7.40 -6.02
C LYS B 57 -12.19 7.71 -4.79
N LEU B 58 -11.15 6.90 -4.56
CA LEU B 58 -10.25 7.11 -3.43
C LEU B 58 -9.60 8.46 -3.51
N ARG B 59 -9.18 8.84 -4.71
CA ARG B 59 -8.54 10.12 -4.93
C ARG B 59 -9.48 11.29 -4.58
N CYS B 60 -10.75 11.18 -4.96
CA CYS B 60 -11.73 12.21 -4.61
C CYS B 60 -11.84 12.38 -3.10
N LEU B 61 -11.93 11.28 -2.40
CA LEU B 61 -12.03 11.32 -0.95
C LEU B 61 -10.77 11.90 -0.32
N ALA B 62 -9.63 11.34 -0.68
CA ALA B 62 -8.32 11.74 -0.15
C ALA B 62 -8.10 13.23 -0.31
N GLN B 63 -8.28 13.73 -1.53
CA GLN B 63 -8.07 15.14 -1.81
C GLN B 63 -9.03 16.03 -1.01
N THR B 64 -10.26 15.57 -0.81
CA THR B 64 -11.22 16.39 -0.10
C THR B 64 -10.84 16.51 1.37
N PHE B 65 -10.46 15.39 1.98
CA PHE B 65 -10.06 15.43 3.38
C PHE B 65 -8.72 16.15 3.56
N ALA B 66 -7.88 16.13 2.52
CA ALA B 66 -6.57 16.76 2.56
C ALA B 66 -6.65 18.28 2.66
N THR B 67 -7.79 18.85 2.29
CA THR B 67 -7.96 20.31 2.39
C THR B 67 -7.95 20.79 3.84
N GLY B 68 -8.24 19.88 4.76
CA GLY B 68 -8.39 20.22 6.17
C GLY B 68 -9.74 20.85 6.47
N GLU B 69 -10.54 21.03 5.42
CA GLU B 69 -11.81 21.73 5.54
C GLU B 69 -12.97 20.85 6.01
N VAL B 70 -12.78 19.54 5.98
CA VAL B 70 -13.85 18.67 6.45
C VAL B 70 -13.40 17.95 7.70
N SER B 71 -13.77 18.50 8.85
CA SER B 71 -13.40 17.91 10.12
C SER B 71 -14.52 18.02 11.13
N GLY B 72 -14.33 17.39 12.28
CA GLY B 72 -15.31 17.43 13.35
C GLY B 72 -15.23 16.21 14.24
N ARG B 73 -16.25 16.01 15.07
CA ARG B 73 -16.27 14.89 15.96
C ARG B 73 -16.94 13.68 15.30
N THR B 74 -18.11 13.91 14.72
CA THR B 74 -18.94 12.79 14.28
C THR B 74 -19.23 12.72 12.79
N LEU B 75 -19.20 11.51 12.28
CA LEU B 75 -19.45 11.25 10.88
C LEU B 75 -20.44 10.09 10.73
N ILE B 76 -21.38 10.22 9.79
CA ILE B 76 -22.30 9.14 9.48
C ILE B 76 -22.14 8.72 8.03
N ASP B 77 -21.93 7.43 7.81
CA ASP B 77 -21.89 6.89 6.46
C ASP B 77 -23.27 6.34 6.12
N ILE B 78 -23.86 6.89 5.06
CA ILE B 78 -25.24 6.61 4.67
C ILE B 78 -25.29 5.52 3.61
N GLY B 79 -25.90 4.39 3.94
CA GLY B 79 -26.01 3.29 3.01
C GLY B 79 -24.66 2.64 2.75
N SER B 80 -23.97 2.30 3.83
CA SER B 80 -22.61 1.75 3.75
C SER B 80 -22.51 0.48 2.91
N GLY B 81 -23.52 -0.37 3.00
CA GLY B 81 -23.44 -1.65 2.31
C GLY B 81 -22.38 -2.50 2.96
N PRO B 82 -21.74 -3.36 2.17
CA PRO B 82 -20.70 -4.22 2.72
C PRO B 82 -19.31 -3.62 2.51
N THR B 83 -19.23 -2.31 2.26
CA THR B 83 -17.94 -1.70 1.90
C THR B 83 -17.43 -0.69 2.95
N VAL B 84 -16.12 -0.54 3.03
CA VAL B 84 -15.52 0.38 4.00
C VAL B 84 -14.54 1.36 3.35
N TYR B 85 -14.22 1.13 2.07
CA TYR B 85 -13.28 1.96 1.35
C TYR B 85 -13.64 3.45 1.46
N GLN B 86 -14.94 3.75 1.49
CA GLN B 86 -15.42 5.13 1.51
C GLN B 86 -15.09 5.85 2.81
N LEU B 87 -14.51 5.14 3.77
CA LEU B 87 -14.13 5.73 5.05
C LEU B 87 -12.60 5.72 5.30
N LEU B 88 -11.84 5.24 4.33
CA LEU B 88 -10.39 5.09 4.54
C LEU B 88 -9.67 6.41 4.80
N SER B 89 -9.95 7.44 4.01
CA SER B 89 -9.37 8.76 4.24
C SER B 89 -10.13 9.57 5.29
N ALA B 90 -11.40 9.25 5.47
CA ALA B 90 -12.22 9.98 6.45
C ALA B 90 -11.80 9.70 7.89
N CYS B 91 -11.32 8.48 8.13
CA CYS B 91 -11.22 7.99 9.50
C CYS B 91 -10.17 8.71 10.35
N SER B 92 -9.21 9.37 9.69
CA SER B 92 -8.24 10.17 10.43
C SER B 92 -8.80 11.54 10.86
N HIS B 93 -10.00 11.86 10.39
CA HIS B 93 -10.56 13.18 10.67
C HIS B 93 -11.78 13.15 11.59
N PHE B 94 -12.24 11.97 11.96
CA PHE B 94 -13.39 11.87 12.85
C PHE B 94 -13.21 10.82 13.93
N GLU B 95 -13.47 11.21 15.18
CA GLU B 95 -13.34 10.29 16.32
C GLU B 95 -14.44 9.24 16.25
N ASP B 96 -15.65 9.72 15.95
CA ASP B 96 -16.84 8.88 16.03
C ASP B 96 -17.47 8.70 14.66
N ILE B 97 -17.45 7.46 14.18
CA ILE B 97 -18.02 7.14 12.89
C ILE B 97 -19.19 6.15 13.02
N THR B 98 -20.33 6.54 12.44
CA THR B 98 -21.48 5.67 12.33
C THR B 98 -21.58 5.07 10.92
N MET B 99 -21.65 3.75 10.84
CA MET B 99 -21.91 3.07 9.58
C MET B 99 -23.36 2.62 9.59
N THR B 100 -23.95 2.42 8.41
CA THR B 100 -25.38 2.20 8.33
C THR B 100 -25.75 1.38 7.11
N ASP B 101 -26.79 0.56 7.24
CA ASP B 101 -27.40 -0.04 6.06
C ASP B 101 -28.80 -0.61 6.30
N PHE B 102 -29.56 -0.68 5.22
CA PHE B 102 -30.92 -1.22 5.21
C PHE B 102 -30.91 -2.72 5.49
N LEU B 103 -29.95 -3.43 4.91
CA LEU B 103 -29.93 -4.89 4.95
C LEU B 103 -29.02 -5.45 6.05
N GLU B 104 -29.60 -6.31 6.89
CA GLU B 104 -28.84 -6.96 7.93
C GLU B 104 -27.62 -7.68 7.37
N VAL B 105 -27.77 -8.32 6.21
CA VAL B 105 -26.66 -9.08 5.64
C VAL B 105 -25.43 -8.20 5.35
N ASN B 106 -25.67 -6.97 4.92
CA ASN B 106 -24.57 -6.02 4.74
C ASN B 106 -23.97 -5.62 6.09
N ARG B 107 -24.83 -5.41 7.07
CA ARG B 107 -24.37 -5.03 8.40
C ARG B 107 -23.52 -6.15 9.02
N GLN B 108 -23.85 -7.40 8.72
CA GLN B 108 -23.08 -8.55 9.19
C GLN B 108 -21.76 -8.67 8.44
N GLU B 109 -21.79 -8.38 7.15
CA GLU B 109 -20.57 -8.33 6.37
C GLU B 109 -19.57 -7.38 7.05
N LEU B 110 -20.01 -6.16 7.33
CA LEU B 110 -19.19 -5.18 8.06
C LEU B 110 -18.72 -5.73 9.41
N GLY B 111 -19.63 -6.36 10.14
CA GLY B 111 -19.29 -6.98 11.40
C GLY B 111 -18.14 -7.95 11.24
N ARG B 112 -18.07 -8.59 10.07
CA ARG B 112 -17.03 -9.57 9.82
C ARG B 112 -15.70 -8.89 9.62
N TRP B 113 -15.74 -7.68 9.06
CA TRP B 113 -14.52 -6.92 8.86
C TRP B 113 -14.06 -6.31 10.17
N LEU B 114 -14.99 -5.74 10.92
CA LEU B 114 -14.68 -5.13 12.20
C LEU B 114 -13.97 -6.11 13.13
N GLN B 115 -14.44 -7.35 13.16
CA GLN B 115 -13.84 -8.37 14.01
C GLN B 115 -12.54 -8.92 13.45
N GLU B 116 -12.15 -8.44 12.28
CA GLU B 116 -10.89 -8.86 11.67
C GLU B 116 -10.89 -10.35 11.36
N GLU B 117 -12.04 -10.86 10.94
CA GLU B 117 -12.16 -12.26 10.58
C GLU B 117 -11.61 -12.53 9.19
N PRO B 118 -10.98 -13.70 8.99
CA PRO B 118 -10.46 -14.11 7.68
C PRO B 118 -11.60 -14.25 6.69
N GLY B 119 -12.76 -14.66 7.18
CA GLY B 119 -13.93 -14.80 6.34
C GLY B 119 -14.39 -13.45 5.80
N ALA B 120 -13.88 -12.36 6.38
CA ALA B 120 -14.25 -11.01 5.95
C ALA B 120 -13.69 -10.71 4.57
N PHE B 121 -14.35 -9.79 3.86
CA PHE B 121 -13.82 -9.32 2.60
C PHE B 121 -12.52 -8.60 2.91
N ASN B 122 -11.53 -8.79 2.04
CA ASN B 122 -10.24 -8.17 2.20
C ASN B 122 -10.13 -6.79 1.55
N TRP B 123 -10.03 -5.75 2.37
CA TRP B 123 -9.90 -4.38 1.91
C TRP B 123 -8.46 -3.85 1.89
N SER B 124 -7.48 -4.69 2.20
CA SER B 124 -6.08 -4.22 2.35
C SER B 124 -5.51 -3.51 1.12
N MET B 125 -5.82 -3.99 -0.09
CA MET B 125 -5.40 -3.26 -1.28
C MET B 125 -5.89 -1.81 -1.21
N TYR B 126 -7.13 -1.65 -0.77
CA TYR B 126 -7.74 -0.33 -0.69
C TYR B 126 -7.09 0.49 0.42
N SER B 127 -6.87 -0.14 1.57
CA SER B 127 -6.17 0.52 2.66
C SER B 127 -4.80 1.02 2.23
N GLN B 128 -4.04 0.15 1.57
CA GLN B 128 -2.71 0.49 1.08
C GLN B 128 -2.76 1.68 0.12
N HIS B 129 -3.61 1.58 -0.90
CA HIS B 129 -3.73 2.64 -1.89
C HIS B 129 -4.09 3.98 -1.25
N ALA B 130 -4.96 3.94 -0.25
CA ALA B 130 -5.34 5.16 0.47
C ALA B 130 -4.12 5.74 1.18
N CYS B 131 -3.37 4.86 1.84
CA CYS B 131 -2.11 5.25 2.46
C CYS B 131 -1.18 5.86 1.43
N LEU B 132 -1.09 5.20 0.28
CA LEU B 132 -0.21 5.62 -0.79
C LEU B 132 -0.52 7.04 -1.27
N ILE B 133 -1.79 7.34 -1.49
CA ILE B 133 -2.16 8.63 -2.08
C ILE B 133 -2.28 9.77 -1.06
N GLU B 134 -2.56 9.42 0.20
CA GLU B 134 -2.58 10.43 1.27
C GLU B 134 -1.16 10.94 1.57
N GLY B 135 -0.16 10.15 1.22
CA GLY B 135 1.23 10.59 1.26
C GLY B 135 1.81 10.93 2.62
N LYS B 136 1.51 10.13 3.64
CA LYS B 136 2.06 10.35 4.98
C LYS B 136 2.91 9.16 5.45
N GLY B 137 3.20 8.24 4.54
CA GLY B 137 3.95 7.05 4.89
C GLY B 137 3.27 6.19 5.94
N GLU B 138 1.95 6.27 6.05
CA GLU B 138 1.21 5.41 6.96
C GLU B 138 1.13 3.99 6.40
N CYS B 139 1.42 3.00 7.23
CA CYS B 139 1.23 1.62 6.78
C CYS B 139 -0.27 1.32 6.79
N TRP B 140 -0.68 0.34 6.01
CA TRP B 140 -2.09 0.04 5.85
C TRP B 140 -2.74 -0.62 7.08
N GLN B 141 -1.96 -1.36 7.85
CA GLN B 141 -2.48 -1.97 9.06
C GLN B 141 -2.82 -0.91 10.10
N ASP B 142 -2.08 0.20 10.11
CA ASP B 142 -2.41 1.30 11.01
C ASP B 142 -3.71 1.98 10.59
N LYS B 143 -3.85 2.25 9.29
CA LYS B 143 -5.05 2.84 8.75
C LYS B 143 -6.25 1.98 9.17
N GLU B 144 -6.15 0.68 8.91
CA GLU B 144 -7.24 -0.24 9.22
C GLU B 144 -7.55 -0.28 10.70
N ARG B 145 -6.51 -0.31 11.52
CA ARG B 145 -6.68 -0.37 12.97
C ARG B 145 -7.45 0.87 13.45
N GLN B 146 -7.18 2.01 12.82
CA GLN B 146 -7.84 3.26 13.17
C GLN B 146 -9.30 3.31 12.71
N LEU B 147 -9.60 2.75 11.55
CA LEU B 147 -10.98 2.72 11.08
C LEU B 147 -11.80 1.85 12.01
N ARG B 148 -11.25 0.70 12.36
CA ARG B 148 -11.90 -0.22 13.28
C ARG B 148 -12.14 0.39 14.67
N ALA B 149 -11.24 1.27 15.11
CA ALA B 149 -11.41 1.91 16.42
C ALA B 149 -12.48 3.00 16.37
N ARG B 150 -12.55 3.69 15.25
CA ARG B 150 -13.35 4.90 15.16
C ARG B 150 -14.81 4.64 14.72
N VAL B 151 -15.06 3.45 14.19
CA VAL B 151 -16.44 3.02 13.91
C VAL B 151 -17.15 2.63 15.20
N LYS B 152 -17.99 3.53 15.71
CA LYS B 152 -18.64 3.31 17.01
C LYS B 152 -19.95 2.51 16.94
N ARG B 153 -20.47 2.30 15.75
CA ARG B 153 -21.75 1.59 15.60
C ARG B 153 -22.13 1.36 14.15
N VAL B 154 -22.81 0.24 13.91
CA VAL B 154 -23.37 -0.10 12.60
C VAL B 154 -24.88 -0.22 12.73
N LEU B 155 -25.61 0.68 12.06
CA LEU B 155 -27.04 0.83 12.29
C LEU B 155 -27.90 0.50 11.10
N PRO B 156 -29.15 0.07 11.37
CA PRO B 156 -30.15 -0.04 10.31
C PRO B 156 -30.47 1.35 9.83
N ILE B 157 -30.73 1.52 8.55
CA ILE B 157 -31.15 2.82 8.03
C ILE B 157 -32.14 2.70 6.88
N ASP B 158 -33.06 3.66 6.81
CA ASP B 158 -33.96 3.77 5.69
C ASP B 158 -34.13 5.23 5.28
N VAL B 159 -33.53 5.58 4.15
CA VAL B 159 -33.44 6.96 3.71
C VAL B 159 -34.78 7.51 3.24
N HIS B 160 -35.76 6.64 3.04
CA HIS B 160 -37.08 7.07 2.61
C HIS B 160 -37.90 7.55 3.80
N GLN B 161 -37.44 7.22 5.01
CA GLN B 161 -38.08 7.69 6.23
C GLN B 161 -37.63 9.10 6.57
N PRO B 162 -38.57 9.95 7.01
CA PRO B 162 -38.26 11.31 7.42
C PRO B 162 -37.16 11.31 8.48
N GLN B 163 -37.17 10.29 9.32
CA GLN B 163 -36.07 10.02 10.26
C GLN B 163 -35.37 8.74 9.82
N PRO B 164 -34.37 8.87 8.94
CA PRO B 164 -33.72 7.72 8.30
C PRO B 164 -33.18 6.71 9.30
N LEU B 165 -32.79 7.18 10.48
CA LEU B 165 -32.24 6.31 11.51
C LEU B 165 -33.29 5.90 12.54
N GLY B 166 -34.49 6.44 12.42
CA GLY B 166 -35.56 6.12 13.36
C GLY B 166 -35.67 7.16 14.46
N ALA B 167 -36.49 6.87 15.47
CA ALA B 167 -36.68 7.79 16.59
C ALA B 167 -35.78 7.43 17.76
N GLY B 168 -35.11 8.44 18.31
CA GLY B 168 -34.22 8.24 19.44
C GLY B 168 -33.03 7.35 19.10
N SER B 169 -32.54 7.48 17.87
CA SER B 169 -31.44 6.65 17.37
C SER B 169 -30.21 6.73 18.28
N PRO B 170 -29.29 5.78 18.10
CA PRO B 170 -28.02 5.77 18.83
C PRO B 170 -27.08 6.88 18.37
N ALA B 171 -27.17 7.22 17.09
CA ALA B 171 -26.20 8.13 16.49
C ALA B 171 -26.20 9.51 17.13
N PRO B 172 -24.99 10.03 17.40
CA PRO B 172 -24.84 11.41 17.88
C PRO B 172 -25.40 12.38 16.85
N LEU B 173 -26.58 12.95 17.11
CA LEU B 173 -27.17 13.88 16.15
C LEU B 173 -27.13 15.30 16.66
N PRO B 174 -26.91 16.27 15.75
CA PRO B 174 -26.64 15.99 14.33
C PRO B 174 -25.14 15.84 14.08
N ALA B 175 -24.80 15.13 13.02
CA ALA B 175 -23.40 14.84 12.71
C ALA B 175 -22.68 16.07 12.17
N ASP B 176 -21.34 16.00 12.15
CA ASP B 176 -20.54 17.05 11.55
C ASP B 176 -20.36 16.83 10.05
N ALA B 177 -20.41 15.56 9.64
CA ALA B 177 -20.25 15.22 8.24
C ALA B 177 -21.04 13.98 7.84
N LEU B 178 -21.41 13.92 6.56
CA LEU B 178 -22.02 12.73 5.98
C LEU B 178 -21.18 12.21 4.83
N VAL B 179 -21.15 10.89 4.70
CA VAL B 179 -20.63 10.24 3.52
C VAL B 179 -21.71 9.32 3.01
N SER B 180 -21.83 9.21 1.69
CA SER B 180 -22.79 8.29 1.09
C SER B 180 -22.37 7.95 -0.31
N ALA B 181 -22.21 6.66 -0.57
CA ALA B 181 -21.70 6.22 -1.86
C ALA B 181 -22.63 5.22 -2.53
N PHE B 182 -23.14 5.59 -3.70
CA PHE B 182 -23.94 4.70 -4.52
C PHE B 182 -25.18 4.16 -3.79
N CYS B 183 -25.74 4.98 -2.91
CA CYS B 183 -26.94 4.62 -2.17
C CYS B 183 -28.20 5.31 -2.75
N LEU B 184 -28.30 6.62 -2.57
CA LEU B 184 -29.51 7.36 -2.91
C LEU B 184 -30.13 6.95 -4.25
N GLU B 185 -29.35 7.01 -5.33
CA GLU B 185 -29.86 6.70 -6.66
C GLU B 185 -30.22 5.22 -6.78
N ALA B 186 -29.51 4.39 -6.03
CA ALA B 186 -29.70 2.95 -6.09
C ALA B 186 -30.96 2.46 -5.37
N VAL B 187 -31.62 3.34 -4.62
CA VAL B 187 -32.78 2.93 -3.84
C VAL B 187 -33.98 3.86 -4.07
N SER B 188 -33.87 4.73 -5.06
CA SER B 188 -34.93 5.68 -5.35
C SER B 188 -35.55 5.39 -6.71
N PRO B 189 -36.83 4.96 -6.72
CA PRO B 189 -37.51 4.63 -7.97
C PRO B 189 -37.48 5.78 -8.97
N ASP B 190 -37.39 7.02 -8.49
CA ASP B 190 -37.31 8.19 -9.36
C ASP B 190 -36.72 9.42 -8.69
N LEU B 191 -36.65 10.51 -9.44
CA LEU B 191 -35.95 11.73 -9.00
C LEU B 191 -36.54 12.38 -7.76
N ALA B 192 -37.86 12.48 -7.67
CA ALA B 192 -38.50 13.09 -6.51
C ALA B 192 -38.25 12.24 -5.28
N SER B 193 -38.13 10.93 -5.49
CA SER B 193 -37.78 10.00 -4.42
C SER B 193 -36.35 10.27 -3.99
N PHE B 194 -35.47 10.42 -4.98
CA PHE B 194 -34.07 10.75 -4.77
C PHE B 194 -33.93 12.03 -3.95
N GLN B 195 -34.63 13.08 -4.39
CA GLN B 195 -34.66 14.38 -3.72
C GLN B 195 -35.14 14.27 -2.28
N ARG B 196 -36.27 13.60 -2.08
CA ARG B 196 -36.79 13.37 -0.74
C ARG B 196 -35.78 12.65 0.14
N ALA B 197 -35.11 11.65 -0.41
CA ALA B 197 -34.09 10.89 0.32
C ALA B 197 -32.94 11.81 0.71
N LEU B 198 -32.46 12.61 -0.25
CA LEU B 198 -31.44 13.62 0.04
C LEU B 198 -31.92 14.54 1.17
N ASP B 199 -33.19 14.97 1.09
CA ASP B 199 -33.79 15.81 2.12
C ASP B 199 -33.80 15.12 3.48
N HIS B 200 -34.18 13.84 3.50
CA HIS B 200 -34.23 13.09 4.75
C HIS B 200 -32.86 12.97 5.45
N ILE B 201 -31.82 12.63 4.69
CA ILE B 201 -30.50 12.48 5.30
C ILE B 201 -29.91 13.82 5.70
N THR B 202 -30.34 14.89 5.03
CA THR B 202 -29.84 16.23 5.34
C THR B 202 -30.22 16.64 6.77
N THR B 203 -31.35 16.11 7.26
CA THR B 203 -31.76 16.40 8.64
C THR B 203 -30.79 15.85 9.68
N LEU B 204 -29.93 14.91 9.29
CA LEU B 204 -28.95 14.33 10.22
C LEU B 204 -27.70 15.17 10.33
N LEU B 205 -27.48 16.04 9.35
CA LEU B 205 -26.30 16.88 9.29
C LEU B 205 -26.53 18.23 9.97
N ARG B 206 -25.50 18.73 10.66
CA ARG B 206 -25.59 20.05 11.27
C ARG B 206 -25.33 21.10 10.22
N PRO B 207 -25.90 22.30 10.41
CA PRO B 207 -25.65 23.43 9.52
C PRO B 207 -24.15 23.73 9.48
N GLY B 208 -23.60 23.95 8.29
CA GLY B 208 -22.17 24.19 8.16
C GLY B 208 -21.39 22.90 7.99
N GLY B 209 -22.07 21.78 8.16
CA GLY B 209 -21.47 20.47 8.02
C GLY B 209 -21.33 20.06 6.56
N HIS B 210 -20.64 18.96 6.32
CA HIS B 210 -20.31 18.55 4.96
C HIS B 210 -20.91 17.22 4.55
N LEU B 211 -21.32 17.13 3.29
CA LEU B 211 -21.73 15.87 2.68
C LEU B 211 -20.82 15.52 1.50
N LEU B 212 -20.24 14.32 1.55
CA LEU B 212 -19.48 13.82 0.41
C LEU B 212 -20.35 12.77 -0.24
N LEU B 213 -20.82 13.06 -1.44
CA LEU B 213 -21.75 12.18 -2.12
C LEU B 213 -21.14 11.62 -3.39
N ILE B 214 -21.11 10.30 -3.49
CA ILE B 214 -20.60 9.63 -4.66
C ILE B 214 -21.73 8.78 -5.21
N GLY B 215 -21.83 8.68 -6.54
CA GLY B 215 -22.85 7.82 -7.10
C GLY B 215 -22.75 7.59 -8.60
N ALA B 216 -23.57 6.66 -9.09
CA ALA B 216 -23.60 6.34 -10.51
C ALA B 216 -24.39 7.39 -11.28
N LEU B 217 -23.93 7.70 -12.49
CA LEU B 217 -24.59 8.62 -13.41
C LEU B 217 -25.26 7.86 -14.55
N GLU B 218 -26.52 8.21 -14.81
CA GLU B 218 -27.28 7.58 -15.89
C GLU B 218 -27.29 6.07 -15.79
N GLU B 219 -27.50 5.57 -14.58
CA GLU B 219 -27.61 4.15 -14.34
C GLU B 219 -29.07 3.80 -14.08
N SER B 220 -29.56 2.72 -14.69
CA SER B 220 -30.94 2.30 -14.48
C SER B 220 -31.03 0.92 -13.81
N TRP B 221 -29.93 0.18 -13.82
CA TRP B 221 -29.90 -1.12 -13.15
C TRP B 221 -28.49 -1.57 -12.77
N TYR B 222 -28.40 -2.40 -11.73
CA TYR B 222 -27.17 -3.11 -11.40
C TYR B 222 -27.48 -4.47 -10.78
N LEU B 223 -26.52 -5.38 -10.83
CA LEU B 223 -26.73 -6.76 -10.38
C LEU B 223 -26.05 -7.05 -9.05
N ALA B 224 -26.75 -7.77 -8.19
CA ALA B 224 -26.17 -8.22 -6.94
C ALA B 224 -26.50 -9.69 -6.70
N GLY B 225 -26.06 -10.54 -7.61
CA GLY B 225 -26.34 -11.97 -7.54
C GLY B 225 -27.61 -12.33 -8.30
N GLU B 226 -28.63 -12.74 -7.57
CA GLU B 226 -29.94 -13.00 -8.16
C GLU B 226 -30.69 -11.69 -8.31
N ALA B 227 -30.49 -10.80 -7.34
CA ALA B 227 -31.17 -9.52 -7.29
C ALA B 227 -30.74 -8.58 -8.41
N ARG B 228 -31.72 -8.13 -9.19
CA ARG B 228 -31.49 -7.12 -10.21
C ARG B 228 -32.23 -5.85 -9.82
N LEU B 229 -31.47 -4.84 -9.42
CA LEU B 229 -32.03 -3.64 -8.79
C LEU B 229 -32.23 -2.51 -9.79
N THR B 230 -33.34 -1.79 -9.61
CA THR B 230 -33.65 -0.65 -10.45
C THR B 230 -33.08 0.63 -9.87
N VAL B 231 -32.44 1.42 -10.72
CA VAL B 231 -31.82 2.65 -10.31
C VAL B 231 -32.42 3.79 -11.12
N VAL B 232 -32.70 4.91 -10.45
CA VAL B 232 -33.05 6.12 -11.18
C VAL B 232 -31.80 6.69 -11.83
N PRO B 233 -31.81 6.79 -13.17
CA PRO B 233 -30.71 7.40 -13.93
C PRO B 233 -30.63 8.91 -13.67
N VAL B 234 -29.51 9.40 -13.13
CA VAL B 234 -29.35 10.83 -12.88
C VAL B 234 -28.18 11.46 -13.64
N SER B 235 -28.28 12.75 -13.89
CA SER B 235 -27.22 13.49 -14.56
C SER B 235 -26.49 14.30 -13.50
N GLU B 236 -25.35 14.86 -13.87
CA GLU B 236 -24.61 15.71 -12.95
C GLU B 236 -25.46 16.92 -12.56
N GLU B 237 -26.25 17.43 -13.51
CA GLU B 237 -27.02 18.65 -13.27
C GLU B 237 -28.21 18.40 -12.36
N GLU B 238 -28.84 17.23 -12.52
CA GLU B 238 -29.89 16.79 -11.61
C GLU B 238 -29.33 16.60 -10.19
N VAL B 239 -28.10 16.09 -10.09
CA VAL B 239 -27.44 15.93 -8.81
C VAL B 239 -27.19 17.29 -8.16
N ARG B 240 -26.62 18.21 -8.93
CA ARG B 240 -26.37 19.57 -8.46
C ARG B 240 -27.63 20.27 -7.93
N GLU B 241 -28.70 20.22 -8.72
CA GLU B 241 -29.93 20.90 -8.36
C GLU B 241 -30.54 20.35 -7.07
N ALA B 242 -30.54 19.04 -6.94
CA ALA B 242 -31.03 18.38 -5.73
C ALA B 242 -30.28 18.85 -4.50
N LEU B 243 -28.96 18.98 -4.61
CA LEU B 243 -28.14 19.46 -3.50
C LEU B 243 -28.50 20.90 -3.12
N VAL B 244 -28.65 21.75 -4.13
CA VAL B 244 -29.12 23.11 -3.93
C VAL B 244 -30.52 23.08 -3.31
N ARG B 245 -31.37 22.21 -3.86
CA ARG B 245 -32.74 22.07 -3.42
C ARG B 245 -32.79 21.66 -1.95
N SER B 246 -31.73 21.02 -1.48
CA SER B 246 -31.71 20.49 -0.12
C SER B 246 -31.08 21.44 0.88
N GLY B 247 -30.57 22.57 0.39
CA GLY B 247 -29.98 23.56 1.25
C GLY B 247 -28.48 23.48 1.37
N TYR B 248 -27.82 22.96 0.33
CA TYR B 248 -26.36 22.88 0.30
C TYR B 248 -25.77 23.92 -0.63
N LYS B 249 -24.53 24.31 -0.33
CA LYS B 249 -23.69 24.97 -1.33
C LYS B 249 -22.78 23.89 -1.93
N VAL B 250 -22.74 23.81 -3.25
CA VAL B 250 -21.88 22.85 -3.91
C VAL B 250 -20.46 23.42 -4.01
N ARG B 251 -19.52 22.74 -3.37
CA ARG B 251 -18.13 23.18 -3.32
C ARG B 251 -17.35 22.47 -4.43
N ASP B 252 -17.76 21.23 -4.70
CA ASP B 252 -17.11 20.47 -5.75
C ASP B 252 -18.09 19.47 -6.33
N LEU B 253 -18.09 19.36 -7.65
CA LEU B 253 -18.85 18.32 -8.32
C LEU B 253 -18.04 17.88 -9.53
N ARG B 254 -17.56 16.65 -9.50
CA ARG B 254 -16.75 16.16 -10.59
C ARG B 254 -17.21 14.81 -11.09
N THR B 255 -16.85 14.52 -12.32
CA THR B 255 -17.43 13.40 -13.04
C THR B 255 -16.36 12.50 -13.60
N TYR B 256 -16.61 11.20 -13.48
CA TYR B 256 -15.75 10.21 -14.09
C TYR B 256 -16.55 9.45 -15.13
N ILE B 257 -16.07 9.47 -16.37
CA ILE B 257 -16.73 8.71 -17.40
C ILE B 257 -16.25 7.27 -17.35
N MET B 258 -17.18 6.35 -17.17
CA MET B 258 -16.82 4.94 -17.07
C MET B 258 -16.12 4.46 -18.35
N PRO B 259 -14.89 3.92 -18.22
CA PRO B 259 -14.21 3.44 -19.43
C PRO B 259 -14.88 2.18 -19.93
N ALA B 260 -14.91 2.00 -21.24
CA ALA B 260 -15.56 0.84 -21.85
C ALA B 260 -15.11 -0.47 -21.20
N HIS B 261 -13.80 -0.60 -21.00
CA HIS B 261 -13.25 -1.82 -20.45
C HIS B 261 -13.78 -2.12 -19.06
N LEU B 262 -14.33 -1.11 -18.39
CA LEU B 262 -14.86 -1.31 -17.05
C LEU B 262 -16.38 -1.49 -17.02
N GLN B 263 -17.02 -1.50 -18.19
CA GLN B 263 -18.44 -1.83 -18.26
C GLN B 263 -18.62 -3.33 -18.52
N THR B 264 -18.99 -4.06 -17.48
CA THR B 264 -18.83 -5.50 -17.44
C THR B 264 -20.14 -6.31 -17.43
N GLY B 265 -21.26 -5.64 -17.64
CA GLY B 265 -22.54 -6.33 -17.62
C GLY B 265 -23.18 -6.39 -16.24
N VAL B 266 -22.47 -5.87 -15.25
CA VAL B 266 -22.96 -5.86 -13.86
C VAL B 266 -23.87 -4.67 -13.62
N ASP B 267 -23.90 -3.76 -14.59
CA ASP B 267 -24.76 -2.59 -14.54
C ASP B 267 -24.68 -1.84 -15.85
N ASP B 268 -25.40 -0.73 -15.95
CA ASP B 268 -25.34 0.10 -17.14
C ASP B 268 -24.87 1.51 -16.80
N VAL B 269 -24.12 1.62 -15.70
CA VAL B 269 -23.54 2.89 -15.28
C VAL B 269 -22.66 3.52 -16.39
N LYS B 270 -22.88 4.80 -16.64
CA LYS B 270 -22.16 5.50 -17.71
C LYS B 270 -21.04 6.34 -17.13
N GLY B 271 -21.18 6.67 -15.86
CA GLY B 271 -20.21 7.51 -15.18
C GLY B 271 -20.49 7.56 -13.70
N VAL B 272 -19.57 8.17 -12.98
CA VAL B 272 -19.67 8.31 -11.53
C VAL B 272 -19.48 9.79 -11.19
N PHE B 273 -20.24 10.26 -10.21
CA PHE B 273 -20.10 11.64 -9.77
C PHE B 273 -19.58 11.66 -8.35
N PHE B 274 -18.90 12.75 -8.01
CA PHE B 274 -18.47 13.00 -6.65
C PHE B 274 -18.80 14.43 -6.30
N ALA B 275 -19.59 14.60 -5.25
CA ALA B 275 -19.99 15.93 -4.84
C ALA B 275 -19.48 16.23 -3.44
N TRP B 276 -18.85 17.38 -3.30
CA TRP B 276 -18.53 17.93 -1.99
C TRP B 276 -19.49 19.09 -1.75
N ALA B 277 -20.38 18.92 -0.79
CA ALA B 277 -21.41 19.93 -0.52
C ALA B 277 -21.42 20.27 0.95
N GLN B 278 -21.66 21.54 1.24
CA GLN B 278 -21.70 22.02 2.61
C GLN B 278 -23.09 22.56 2.93
N LYS B 279 -23.70 22.04 4.00
CA LYS B 279 -25.05 22.45 4.38
C LYS B 279 -25.15 23.92 4.79
N VAL B 280 -26.04 24.65 4.12
CA VAL B 280 -26.28 26.04 4.45
C VAL B 280 -26.79 26.17 5.88
N GLY B 281 -26.23 27.13 6.61
CA GLY B 281 -26.65 27.39 7.97
C GLY B 281 -25.61 28.18 8.75
#